data_8TMT
#
_entry.id   8TMT
#
_cell.length_a   72.380
_cell.length_b   72.380
_cell.length_c   85.500
_cell.angle_alpha   90.00
_cell.angle_beta   90.00
_cell.angle_gamma   120.00
#
_symmetry.space_group_name_H-M   'P 32 2 1'
#
loop_
_entity.id
_entity.type
_entity.pdbx_description
1 polymer beta-lactamase
2 non-polymer Vaborbactam
3 non-polymer GLYCEROL
4 non-polymer 'SODIUM ION'
5 non-polymer 1,2-ETHANEDIOL
6 non-polymer 'LITHIUM ION'
7 non-polymer 'SULFATE ION'
8 water water
#
_entity_poly.entity_id   1
_entity_poly.type   'polypeptide(L)'
_entity_poly.pdbx_seq_one_letter_code
;GHMTNLVAEPFAKLEQDFGGSIGVYAMDTGSGATVSYRAEERFPLCSSFKGFLAAAVLARSQQQAGLLDTPIRYGKNALV
PWSPISEKYLTTGMTVAELSAAAVQYSDNAAANLLLKELGGPAGLTAFMRSIGDTTFRLDRWELELNSAIPGDARDTSSP
RAVTESLQKLTLGSALAAPQRQQFVDWLKGNTTGNHRIRAAVPADWAVGDKTGTCGVYGTANDYAVVWPTGRAPIVLAVY
TRAPNKDDKHSEAVYTRAPNKDDKHSEAVIAAAARLALEGLG
;
_entity_poly.pdbx_strand_id   A
#
loop_
_chem_comp.id
_chem_comp.type
_chem_comp.name
_chem_comp.formula
4D6 non-polymer Vaborbactam 'C12 H16 B N O5 S'
EDO non-polymer 1,2-ETHANEDIOL 'C2 H6 O2'
GOL non-polymer GLYCEROL 'C3 H8 O3'
LI non-polymer 'LITHIUM ION' 'Li 1'
NA non-polymer 'SODIUM ION' 'Na 1'
SO4 non-polymer 'SULFATE ION' 'O4 S -2'
#
# COMPACT_ATOMS: atom_id res chain seq x y z
N ASN A 5 -8.37 16.06 21.68
CA ASN A 5 -7.09 16.69 22.03
C ASN A 5 -6.12 15.63 22.57
N LEU A 6 -6.60 14.83 23.53
CA LEU A 6 -5.70 13.95 24.25
C LEU A 6 -5.12 12.88 23.34
N VAL A 7 -5.96 12.28 22.50
CA VAL A 7 -5.47 11.23 21.61
C VAL A 7 -4.60 11.83 20.51
N ALA A 8 -4.96 13.02 20.02
CA ALA A 8 -4.12 13.70 19.03
C ALA A 8 -2.72 13.99 19.57
N GLU A 9 -2.58 14.26 20.86
CA GLU A 9 -1.36 14.91 21.34
C GLU A 9 -0.08 14.13 21.07
N PRO A 10 0.01 12.81 21.34
CA PRO A 10 1.27 12.10 21.05
C PRO A 10 1.63 12.10 19.56
N PHE A 11 0.63 12.11 18.67
CA PHE A 11 0.90 12.20 17.23
C PHE A 11 1.42 13.59 16.87
N ALA A 12 0.75 14.64 17.36
CA ALA A 12 1.24 15.99 17.17
C ALA A 12 2.69 16.16 17.64
N LYS A 13 3.07 15.59 18.80
CA LYS A 13 4.46 15.66 19.22
C LYS A 13 5.40 14.90 18.28
N LEU A 14 5.02 13.69 17.86
CA LEU A 14 5.85 12.95 16.93
C LEU A 14 6.06 13.73 15.64
N GLU A 15 5.00 14.34 15.14
CA GLU A 15 5.07 15.13 13.92
C GLU A 15 6.01 16.32 14.10
N GLN A 16 5.91 16.96 15.27
CA GLN A 16 6.76 18.12 15.53
C GLN A 16 8.22 17.73 15.52
N ASP A 17 8.60 16.64 16.21
CA ASP A 17 9.98 16.20 16.18
C ASP A 17 10.40 15.80 14.78
N PHE A 18 9.47 15.24 14.02
CA PHE A 18 9.79 14.75 12.69
C PHE A 18 10.02 15.89 11.71
N GLY A 19 9.23 16.94 11.80
CA GLY A 19 9.43 18.08 10.94
C GLY A 19 8.48 18.20 9.79
N GLY A 20 7.77 17.13 9.43
CA GLY A 20 6.83 17.23 8.34
C GLY A 20 5.43 16.94 8.82
N SER A 21 4.62 16.26 8.02
CA SER A 21 3.25 15.90 8.38
C SER A 21 3.15 14.39 8.42
N ILE A 22 2.37 13.89 9.37
CA ILE A 22 2.07 12.46 9.39
C ILE A 22 0.55 12.30 9.38
N GLY A 23 0.06 11.23 8.76
CA GLY A 23 -1.35 10.93 8.78
C GLY A 23 -1.51 9.48 9.20
N VAL A 24 -2.48 9.22 10.07
CA VAL A 24 -2.69 7.88 10.64
C VAL A 24 -4.17 7.56 10.61
N TYR A 25 -4.53 6.37 10.19
CA TYR A 25 -5.89 5.87 10.46
C TYR A 25 -5.78 4.40 10.82
N ALA A 26 -6.47 3.96 11.88
CA ALA A 26 -6.41 2.55 12.30
C ALA A 26 -7.81 2.12 12.72
N MET A 27 -8.23 0.94 12.29
CA MET A 27 -9.56 0.40 12.62
C MET A 27 -9.40 -0.96 13.31
N ASP A 28 -10.04 -1.13 14.48
CA ASP A 28 -10.20 -2.46 15.09
C ASP A 28 -11.47 -3.11 14.51
N THR A 29 -11.28 -4.16 13.72
CA THR A 29 -12.43 -4.73 13.02
C THR A 29 -13.33 -5.51 13.98
N GLY A 30 -12.90 -5.73 15.21
CA GLY A 30 -13.74 -6.41 16.19
C GLY A 30 -14.70 -5.42 16.81
N SER A 31 -14.18 -4.39 17.44
CA SER A 31 -15.00 -3.43 18.15
C SER A 31 -15.46 -2.26 17.31
N GLY A 32 -14.83 -2.02 16.17
CA GLY A 32 -15.10 -0.81 15.44
C GLY A 32 -14.36 0.41 15.94
N ALA A 33 -13.52 0.29 16.96
CA ALA A 33 -12.80 1.45 17.46
C ALA A 33 -11.80 1.93 16.41
N THR A 34 -11.44 3.22 16.48
CA THR A 34 -10.53 3.79 15.48
C THR A 34 -9.55 4.73 16.18
N VAL A 35 -8.40 5.00 15.53
CA VAL A 35 -7.48 6.08 15.88
C VAL A 35 -7.28 6.90 14.61
N SER A 36 -7.29 8.23 14.73
CA SER A 36 -7.27 9.08 13.54
CA SER A 36 -7.32 9.12 13.56
C SER A 36 -6.38 10.29 13.78
N TYR A 37 -5.50 10.59 12.80
CA TYR A 37 -4.73 11.83 12.90
C TYR A 37 -4.41 12.27 11.48
N ARG A 38 -4.95 13.45 11.10
CA ARG A 38 -4.89 13.93 9.71
C ARG A 38 -5.36 12.85 8.73
N ALA A 39 -6.39 12.10 9.13
CA ALA A 39 -6.73 10.88 8.38
C ALA A 39 -7.42 11.17 7.07
N GLU A 40 -7.96 12.38 6.86
CA GLU A 40 -8.61 12.72 5.60
C GLU A 40 -7.74 13.64 4.73
N GLU A 41 -6.53 13.95 5.15
CA GLU A 41 -5.59 14.72 4.32
C GLU A 41 -4.98 13.83 3.26
N ARG A 42 -4.59 14.45 2.13
CA ARG A 42 -3.94 13.71 1.04
C ARG A 42 -2.45 13.61 1.29
N PHE A 43 -1.90 12.43 0.96
CA PHE A 43 -0.48 12.13 0.99
C PHE A 43 -0.15 11.40 -0.30
N PRO A 44 1.08 11.56 -0.81
CA PRO A 44 1.48 10.78 -2.00
C PRO A 44 1.47 9.28 -1.70
N LEU A 45 0.95 8.55 -2.65
CA LEU A 45 0.88 7.08 -2.54
C LEU A 45 2.26 6.44 -2.65
N CYS A 46 3.10 6.97 -3.55
CA CYS A 46 4.42 6.35 -3.81
C CYS A 46 4.13 4.89 -4.14
N SER A 47 5.03 3.97 -3.76
CA SER A 47 4.84 2.59 -4.20
C SER A 47 3.69 1.90 -3.53
N SER A 48 3.04 2.53 -2.56
CA SER A 48 1.93 1.81 -1.91
C SER A 48 0.76 1.59 -2.87
N PHE A 49 0.71 2.28 -4.01
CA PHE A 49 -0.35 1.93 -4.96
C PHE A 49 -0.20 0.52 -5.48
N LYS A 50 1.00 -0.06 -5.42
CA LYS A 50 1.21 -1.37 -6.04
C LYS A 50 0.39 -2.48 -5.34
N GLY A 51 0.05 -2.28 -4.07
CA GLY A 51 -0.83 -3.26 -3.42
C GLY A 51 -2.20 -3.25 -4.04
N PHE A 52 -2.79 -2.04 -4.18
CA PHE A 52 -4.09 -1.93 -4.84
C PHE A 52 -4.06 -2.35 -6.30
N LEU A 53 -2.93 -2.13 -6.99
CA LEU A 53 -2.73 -2.67 -8.33
C LEU A 53 -2.89 -4.19 -8.36
N ALA A 54 -2.26 -4.91 -7.43
CA ALA A 54 -2.42 -6.36 -7.36
C ALA A 54 -3.87 -6.73 -7.10
N ALA A 55 -4.55 -6.00 -6.21
CA ALA A 55 -5.96 -6.31 -5.92
C ALA A 55 -6.82 -6.12 -7.16
N ALA A 56 -6.48 -5.13 -7.99
CA ALA A 56 -7.26 -4.92 -9.22
C ALA A 56 -7.05 -6.04 -10.21
N VAL A 57 -5.79 -6.51 -10.30
CA VAL A 57 -5.49 -7.69 -11.10
C VAL A 57 -6.34 -8.87 -10.59
N LEU A 58 -6.38 -9.05 -9.26
CA LEU A 58 -7.15 -10.15 -8.73
C LEU A 58 -8.62 -10.01 -9.07
N ALA A 59 -9.16 -8.79 -8.98
CA ALA A 59 -10.56 -8.58 -9.37
C ALA A 59 -10.80 -9.04 -10.81
N ARG A 60 -9.85 -8.76 -11.71
CA ARG A 60 -10.04 -9.18 -13.09
C ARG A 60 -9.96 -10.68 -13.23
N SER A 61 -9.24 -11.34 -12.32
CA SER A 61 -9.19 -12.79 -12.31
C SER A 61 -10.52 -13.40 -11.87
N GLN A 62 -11.46 -12.63 -11.37
CA GLN A 62 -12.81 -13.19 -11.12
C GLN A 62 -13.59 -13.34 -12.43
N GLN A 63 -13.15 -12.63 -13.48
CA GLN A 63 -13.92 -12.53 -14.71
C GLN A 63 -13.18 -13.12 -15.91
N GLN A 64 -11.86 -13.32 -15.82
CA GLN A 64 -11.09 -13.81 -16.95
C GLN A 64 -10.33 -15.04 -16.51
N ALA A 65 -10.75 -16.23 -16.93
CA ALA A 65 -10.10 -17.44 -16.45
C ALA A 65 -8.67 -17.49 -16.98
N GLY A 66 -7.76 -17.92 -16.13
CA GLY A 66 -6.39 -18.11 -16.53
C GLY A 66 -5.55 -16.85 -16.54
N LEU A 67 -6.11 -15.68 -16.20
CA LEU A 67 -5.35 -14.43 -16.24
C LEU A 67 -4.04 -14.53 -15.47
N LEU A 68 -4.06 -15.09 -14.25
CA LEU A 68 -2.88 -15.04 -13.39
C LEU A 68 -1.72 -15.86 -13.94
N ASP A 69 -2.02 -16.92 -14.69
CA ASP A 69 -0.93 -17.72 -15.30
C ASP A 69 -0.60 -17.30 -16.70
N THR A 70 -1.08 -16.15 -17.14
CA THR A 70 -0.80 -15.66 -18.49
C THR A 70 0.60 -15.07 -18.53
N PRO A 71 1.49 -15.54 -19.39
CA PRO A 71 2.82 -14.94 -19.44
C PRO A 71 2.80 -13.55 -20.12
N ILE A 72 3.63 -12.64 -19.59
CA ILE A 72 3.81 -11.33 -20.17
C ILE A 72 5.24 -11.31 -20.66
N ARG A 73 5.41 -11.22 -21.97
CA ARG A 73 6.73 -11.07 -22.54
C ARG A 73 7.05 -9.60 -22.43
N TYR A 74 8.23 -9.28 -21.96
CA TYR A 74 8.62 -7.89 -21.95
C TYR A 74 10.08 -7.86 -22.36
N GLY A 75 10.52 -6.71 -22.88
CA GLY A 75 11.90 -6.52 -23.23
C GLY A 75 12.61 -5.57 -22.30
N LYS A 76 13.86 -5.27 -22.66
CA LYS A 76 14.65 -4.38 -21.82
C LYS A 76 14.01 -3.00 -21.71
N ASN A 77 13.23 -2.58 -22.72
CA ASN A 77 12.66 -1.26 -22.69
C ASN A 77 11.63 -1.08 -21.59
N ALA A 78 11.11 -2.16 -21.08
CA ALA A 78 10.17 -2.06 -19.97
C ALA A 78 10.87 -1.91 -18.61
N LEU A 79 12.19 -2.11 -18.54
CA LEU A 79 12.84 -2.07 -17.24
C LEU A 79 13.10 -0.64 -16.77
N VAL A 80 13.04 -0.44 -15.46
N VAL A 80 13.09 -0.49 -15.45
CA VAL A 80 13.42 0.85 -14.90
CA VAL A 80 13.19 0.75 -14.69
C VAL A 80 14.14 0.53 -13.60
C VAL A 80 14.12 0.48 -13.52
N PRO A 81 14.78 1.50 -12.98
CA PRO A 81 15.53 1.24 -11.73
C PRO A 81 14.62 0.66 -10.66
N TRP A 82 15.23 -0.16 -9.78
CA TRP A 82 14.49 -0.85 -8.72
C TRP A 82 13.47 -1.83 -9.32
N SER A 83 13.95 -2.69 -10.21
CA SER A 83 13.15 -3.79 -10.79
C SER A 83 13.93 -5.10 -10.58
N PRO A 84 14.16 -5.48 -9.31
CA PRO A 84 15.10 -6.57 -9.02
C PRO A 84 14.60 -7.90 -9.52
N ILE A 85 13.28 -8.10 -9.53
CA ILE A 85 12.75 -9.39 -9.97
C ILE A 85 12.60 -9.40 -11.47
N SER A 86 11.99 -8.36 -12.04
N SER A 86 11.99 -8.37 -12.04
CA SER A 86 11.79 -8.29 -13.48
CA SER A 86 11.76 -8.39 -13.50
C SER A 86 13.11 -8.40 -14.26
C SER A 86 13.07 -8.28 -14.32
N GLU A 87 14.16 -7.75 -13.77
CA GLU A 87 15.42 -7.78 -14.50
C GLU A 87 15.99 -9.20 -14.57
N LYS A 88 15.68 -10.05 -13.58
CA LYS A 88 16.21 -11.43 -13.54
C LYS A 88 15.49 -12.36 -14.51
N TYR A 89 14.24 -12.08 -14.84
CA TYR A 89 13.46 -12.98 -15.68
C TYR A 89 13.27 -12.39 -17.05
N LEU A 90 14.17 -11.51 -17.45
CA LEU A 90 14.08 -10.90 -18.78
C LEU A 90 14.08 -11.93 -19.89
N THR A 91 14.79 -13.06 -19.72
CA THR A 91 14.85 -14.05 -20.79
C THR A 91 13.55 -14.83 -20.92
N THR A 92 12.93 -15.18 -19.81
CA THR A 92 11.76 -16.03 -19.81
C THR A 92 10.44 -15.27 -19.69
N GLY A 93 10.48 -14.00 -19.32
CA GLY A 93 9.26 -13.27 -18.99
C GLY A 93 8.71 -13.77 -17.68
N MET A 94 7.53 -13.24 -17.32
CA MET A 94 6.88 -13.52 -16.04
C MET A 94 5.39 -13.56 -16.29
N THR A 95 4.67 -14.38 -15.52
CA THR A 95 3.21 -14.34 -15.60
C THR A 95 2.64 -13.16 -14.81
N VAL A 96 1.35 -12.89 -15.05
CA VAL A 96 0.65 -11.84 -14.32
C VAL A 96 0.78 -12.04 -12.81
N ALA A 97 0.58 -13.28 -12.33
CA ALA A 97 0.73 -13.55 -10.89
C ALA A 97 2.16 -13.25 -10.43
N GLU A 98 3.15 -13.65 -11.22
CA GLU A 98 4.56 -13.41 -10.84
C GLU A 98 4.85 -11.91 -10.80
N LEU A 99 4.38 -11.15 -11.79
CA LEU A 99 4.55 -9.70 -11.75
C LEU A 99 3.89 -9.11 -10.52
N SER A 100 2.67 -9.60 -10.20
CA SER A 100 1.94 -9.08 -9.03
C SER A 100 2.71 -9.35 -7.73
N ALA A 101 3.26 -10.56 -7.61
CA ALA A 101 4.03 -10.86 -6.40
C ALA A 101 5.24 -9.95 -6.31
N ALA A 102 5.88 -9.71 -7.45
CA ALA A 102 7.09 -8.88 -7.47
C ALA A 102 6.75 -7.43 -7.12
N ALA A 103 5.67 -6.94 -7.69
CA ALA A 103 5.24 -5.57 -7.37
C ALA A 103 4.87 -5.39 -5.90
N VAL A 104 4.18 -6.37 -5.30
CA VAL A 104 3.78 -6.24 -3.89
C VAL A 104 4.98 -6.44 -2.96
N GLN A 105 5.74 -7.49 -3.19
CA GLN A 105 6.67 -7.95 -2.15
C GLN A 105 8.07 -7.40 -2.31
N TYR A 106 8.41 -6.89 -3.48
CA TYR A 106 9.73 -6.24 -3.71
C TYR A 106 9.56 -4.82 -4.24
N SER A 107 8.32 -4.36 -4.41
CA SER A 107 8.03 -3.07 -4.99
CA SER A 107 8.01 -3.06 -5.00
C SER A 107 8.61 -2.89 -6.40
N ASP A 108 8.69 -4.00 -7.13
CA ASP A 108 9.35 -3.99 -8.45
C ASP A 108 8.69 -2.98 -9.42
N ASN A 109 9.48 -2.02 -9.93
CA ASN A 109 8.86 -0.92 -10.67
C ASN A 109 8.44 -1.33 -12.08
N ALA A 110 9.27 -2.09 -12.77
CA ALA A 110 8.91 -2.55 -14.11
C ALA A 110 7.66 -3.43 -14.05
N ALA A 111 7.58 -4.28 -13.03
CA ALA A 111 6.40 -5.14 -12.89
C ALA A 111 5.16 -4.28 -12.70
N ALA A 112 5.27 -3.23 -11.89
CA ALA A 112 4.14 -2.34 -11.66
C ALA A 112 3.71 -1.67 -12.96
N ASN A 113 4.67 -1.20 -13.77
CA ASN A 113 4.26 -0.56 -15.01
C ASN A 113 3.60 -1.54 -15.95
N LEU A 114 4.11 -2.79 -16.01
CA LEU A 114 3.51 -3.79 -16.89
C LEU A 114 2.06 -4.10 -16.49
N LEU A 115 1.82 -4.23 -15.19
CA LEU A 115 0.46 -4.52 -14.72
C LEU A 115 -0.44 -3.32 -14.92
N LEU A 116 0.09 -2.10 -14.75
CA LEU A 116 -0.73 -0.91 -15.05
C LEU A 116 -1.19 -0.94 -16.50
N LYS A 117 -0.26 -1.20 -17.42
CA LYS A 117 -0.65 -1.30 -18.83
C LYS A 117 -1.81 -2.31 -18.99
N GLU A 118 -1.68 -3.49 -18.37
CA GLU A 118 -2.73 -4.51 -18.49
C GLU A 118 -4.10 -4.00 -18.04
N LEU A 119 -4.15 -3.11 -17.04
CA LEU A 119 -5.39 -2.64 -16.46
C LEU A 119 -5.89 -1.37 -17.09
N GLY A 120 -5.21 -0.90 -18.15
CA GLY A 120 -5.61 0.37 -18.75
C GLY A 120 -5.02 1.59 -18.13
N GLY A 121 -3.83 1.48 -17.55
CA GLY A 121 -3.11 2.64 -17.08
C GLY A 121 -3.53 3.12 -15.71
N PRO A 122 -2.97 4.26 -15.28
CA PRO A 122 -3.40 4.89 -14.04
C PRO A 122 -4.88 5.15 -14.03
N ALA A 123 -5.48 5.49 -15.16
CA ALA A 123 -6.93 5.72 -15.15
C ALA A 123 -7.68 4.44 -14.83
N GLY A 124 -7.21 3.31 -15.37
CA GLY A 124 -7.85 2.02 -15.10
C GLY A 124 -7.78 1.63 -13.63
N LEU A 125 -6.60 1.82 -12.99
CA LEU A 125 -6.54 1.50 -11.56
C LEU A 125 -7.43 2.43 -10.77
N THR A 126 -7.44 3.73 -11.12
CA THR A 126 -8.32 4.66 -10.38
C THR A 126 -9.78 4.23 -10.52
N ALA A 127 -10.18 3.80 -11.73
CA ALA A 127 -11.54 3.30 -11.97
C ALA A 127 -11.83 2.07 -11.11
N PHE A 128 -10.86 1.16 -10.96
CA PHE A 128 -11.11 0.04 -10.06
C PHE A 128 -11.38 0.52 -8.64
N MET A 129 -10.58 1.49 -8.15
CA MET A 129 -10.76 1.94 -6.77
C MET A 129 -12.12 2.63 -6.61
N ARG A 130 -12.54 3.40 -7.62
CA ARG A 130 -13.90 3.97 -7.59
C ARG A 130 -14.96 2.86 -7.47
N SER A 131 -14.75 1.73 -8.18
CA SER A 131 -15.74 0.67 -8.22
C SER A 131 -15.94 -0.02 -6.89
N ILE A 132 -14.96 0.04 -5.99
CA ILE A 132 -15.12 -0.53 -4.66
C ILE A 132 -15.54 0.52 -3.66
N GLY A 133 -15.81 1.76 -4.11
CA GLY A 133 -16.31 2.76 -3.18
C GLY A 133 -15.30 3.77 -2.69
N ASP A 134 -14.08 3.75 -3.21
CA ASP A 134 -13.04 4.68 -2.79
C ASP A 134 -13.11 5.89 -3.70
N THR A 135 -13.54 7.02 -3.15
CA THR A 135 -13.65 8.24 -3.96
C THR A 135 -12.47 9.15 -3.77
N THR A 136 -11.47 8.73 -2.99
CA THR A 136 -10.32 9.57 -2.66
C THR A 136 -9.11 9.22 -3.51
N PHE A 137 -8.84 7.94 -3.67
CA PHE A 137 -7.66 7.47 -4.41
C PHE A 137 -7.57 8.06 -5.80
N ARG A 138 -6.37 8.51 -6.19
CA ARG A 138 -6.16 8.81 -7.61
C ARG A 138 -4.74 8.44 -7.98
N LEU A 139 -4.60 7.64 -9.03
CA LEU A 139 -3.33 7.46 -9.70
C LEU A 139 -3.40 8.11 -11.08
N ASP A 140 -2.35 8.90 -11.37
CA ASP A 140 -2.28 9.78 -12.53
C ASP A 140 -1.12 9.45 -13.44
N ARG A 141 -0.04 8.93 -12.87
CA ARG A 141 1.20 8.74 -13.65
C ARG A 141 1.77 7.34 -13.44
N TRP A 142 2.84 7.03 -14.17
CA TRP A 142 3.53 5.77 -14.16
C TRP A 142 4.81 5.84 -13.31
N GLU A 143 5.48 4.69 -13.15
CA GLU A 143 6.82 4.73 -12.57
C GLU A 143 7.80 5.28 -13.62
N LEU A 144 8.72 6.17 -13.24
CA LEU A 144 9.04 6.66 -11.88
C LEU A 144 8.36 7.99 -11.55
N GLU A 145 7.67 8.57 -12.54
CA GLU A 145 7.21 9.95 -12.41
C GLU A 145 6.24 10.14 -11.24
N LEU A 146 5.42 9.11 -10.95
CA LEU A 146 4.46 9.24 -9.87
C LEU A 146 5.11 9.45 -8.49
N ASN A 147 6.44 9.36 -8.37
CA ASN A 147 7.10 9.52 -7.07
C ASN A 147 7.53 10.95 -6.78
N SER A 148 7.16 11.92 -7.62
CA SER A 148 7.73 13.27 -7.48
C SER A 148 7.38 13.94 -6.14
N ALA A 149 6.16 13.71 -5.63
CA ALA A 149 5.75 14.16 -4.29
C ALA A 149 5.90 15.67 -4.13
N ILE A 150 5.48 16.41 -5.16
CA ILE A 150 5.54 17.89 -5.15
C ILE A 150 4.54 18.41 -4.11
N PRO A 151 4.94 19.25 -3.15
CA PRO A 151 3.99 19.70 -2.14
C PRO A 151 2.78 20.37 -2.77
N GLY A 152 1.60 20.04 -2.25
CA GLY A 152 0.35 20.57 -2.76
C GLY A 152 -0.19 19.90 -4.01
N ASP A 153 0.58 19.01 -4.67
CA ASP A 153 0.11 18.33 -5.89
C ASP A 153 -0.79 17.17 -5.51
N ALA A 154 -2.02 17.15 -6.02
CA ALA A 154 -2.90 16.04 -5.65
C ALA A 154 -2.69 14.81 -6.51
N ARG A 155 -1.87 14.89 -7.57
CA ARG A 155 -1.67 13.72 -8.41
C ARG A 155 -1.12 12.58 -7.57
N ASP A 156 -1.61 11.36 -7.82
CA ASP A 156 -0.98 10.17 -7.22
C ASP A 156 -1.00 10.23 -5.69
N THR A 157 -2.20 10.53 -5.13
CA THR A 157 -2.39 10.64 -3.70
C THR A 157 -3.63 9.86 -3.25
N SER A 158 -3.67 9.61 -1.96
CA SER A 158 -4.92 9.25 -1.28
C SER A 158 -4.85 9.74 0.16
N SER A 159 -5.82 9.34 1.01
CA SER A 159 -5.77 9.68 2.42
C SER A 159 -5.57 8.41 3.27
N PRO A 160 -5.06 8.54 4.50
CA PRO A 160 -4.92 7.34 5.36
C PRO A 160 -6.24 6.62 5.58
N ARG A 161 -7.32 7.37 5.77
CA ARG A 161 -8.62 6.72 5.97
C ARG A 161 -9.08 5.96 4.73
N ALA A 162 -9.00 6.59 3.53
CA ALA A 162 -9.46 5.89 2.34
C ALA A 162 -8.59 4.67 2.07
N VAL A 163 -7.27 4.78 2.32
CA VAL A 163 -6.39 3.62 2.11
C VAL A 163 -6.81 2.47 3.02
N THR A 164 -7.02 2.77 4.29
CA THR A 164 -7.36 1.74 5.26
C THR A 164 -8.71 1.13 4.94
N GLU A 165 -9.68 1.99 4.60
CA GLU A 165 -10.99 1.45 4.24
C GLU A 165 -10.92 0.55 3.02
N SER A 166 -10.16 0.94 1.97
CA SER A 166 -10.08 0.09 0.80
C SER A 166 -9.31 -1.19 1.12
N LEU A 167 -8.24 -1.06 1.90
CA LEU A 167 -7.50 -2.28 2.28
C LEU A 167 -8.43 -3.27 3.01
N GLN A 168 -9.21 -2.79 3.97
CA GLN A 168 -10.15 -3.65 4.68
CA GLN A 168 -10.13 -3.66 4.68
C GLN A 168 -11.11 -4.34 3.71
N LYS A 169 -11.67 -3.56 2.78
CA LYS A 169 -12.65 -4.15 1.87
C LYS A 169 -12.05 -5.27 1.08
N LEU A 170 -10.77 -5.12 0.68
CA LEU A 170 -10.11 -6.04 -0.22
C LEU A 170 -9.49 -7.26 0.50
N THR A 171 -9.23 -7.15 1.81
CA THR A 171 -8.57 -8.27 2.52
C THR A 171 -9.51 -9.00 3.45
N LEU A 172 -10.49 -8.30 4.00
CA LEU A 172 -11.36 -8.84 5.04
C LEU A 172 -12.81 -8.73 4.70
N GLY A 173 -13.15 -7.92 3.73
CA GLY A 173 -14.51 -7.54 3.44
C GLY A 173 -15.01 -8.19 2.17
N SER A 174 -15.83 -7.44 1.42
CA SER A 174 -16.61 -7.99 0.32
C SER A 174 -16.16 -7.55 -1.05
N ALA A 175 -15.03 -6.82 -1.15
CA ALA A 175 -14.68 -6.28 -2.47
C ALA A 175 -14.01 -7.32 -3.35
N LEU A 176 -13.50 -8.41 -2.78
CA LEU A 176 -13.02 -9.55 -3.54
C LEU A 176 -13.64 -10.81 -2.94
N ALA A 177 -13.78 -11.87 -3.76
CA ALA A 177 -14.19 -13.19 -3.24
C ALA A 177 -13.03 -13.87 -2.52
N ALA A 178 -13.37 -14.85 -1.67
CA ALA A 178 -12.37 -15.44 -0.79
C ALA A 178 -11.09 -15.85 -1.49
N PRO A 179 -11.11 -16.55 -2.63
CA PRO A 179 -9.83 -17.00 -3.19
C PRO A 179 -8.95 -15.86 -3.61
N GLN A 180 -9.54 -14.78 -4.15
CA GLN A 180 -8.79 -13.58 -4.47
C GLN A 180 -8.33 -12.84 -3.22
N ARG A 181 -9.20 -12.69 -2.22
CA ARG A 181 -8.81 -12.07 -0.95
C ARG A 181 -7.65 -12.80 -0.33
N GLN A 182 -7.69 -14.14 -0.35
CA GLN A 182 -6.61 -14.88 0.30
C GLN A 182 -5.31 -14.71 -0.44
N GLN A 183 -5.38 -14.62 -1.78
CA GLN A 183 -4.14 -14.37 -2.54
C GLN A 183 -3.57 -12.99 -2.23
N PHE A 184 -4.45 -11.99 -2.09
CA PHE A 184 -3.95 -10.63 -1.77
C PHE A 184 -3.29 -10.65 -0.41
N VAL A 185 -3.99 -11.26 0.58
CA VAL A 185 -3.45 -11.39 1.93
C VAL A 185 -2.10 -12.10 1.89
N ASP A 186 -1.98 -13.17 1.11
CA ASP A 186 -0.70 -13.88 1.11
C ASP A 186 0.42 -13.03 0.52
N TRP A 187 0.11 -12.26 -0.54
CA TRP A 187 1.13 -11.39 -1.13
C TRP A 187 1.55 -10.34 -0.11
N LEU A 188 0.59 -9.75 0.61
CA LEU A 188 0.93 -8.75 1.65
C LEU A 188 1.73 -9.40 2.80
N LYS A 189 1.36 -10.62 3.18
CA LYS A 189 2.07 -11.28 4.28
C LYS A 189 3.53 -11.53 3.93
N GLY A 190 3.84 -11.82 2.68
CA GLY A 190 5.21 -12.11 2.26
C GLY A 190 6.01 -10.90 1.87
N ASN A 191 5.49 -9.69 2.07
CA ASN A 191 6.24 -8.49 1.69
C ASN A 191 7.60 -8.48 2.41
N THR A 192 8.63 -8.09 1.67
CA THR A 192 10.00 -8.02 2.19
C THR A 192 10.45 -6.63 2.54
N THR A 193 9.67 -5.60 2.20
CA THR A 193 10.17 -4.22 2.26
C THR A 193 9.75 -3.45 3.50
N GLY A 194 8.97 -4.06 4.39
CA GLY A 194 8.31 -3.34 5.47
C GLY A 194 8.83 -3.65 6.84
N ASN A 195 10.03 -4.22 6.93
CA ASN A 195 10.40 -4.75 8.26
C ASN A 195 10.81 -3.66 9.23
N HIS A 196 10.97 -2.41 8.79
CA HIS A 196 11.25 -1.29 9.71
C HIS A 196 10.05 -0.38 9.90
N ARG A 197 8.83 -0.76 9.43
CA ARG A 197 7.70 0.17 9.48
C ARG A 197 6.64 -0.40 10.41
N ILE A 198 5.40 -0.65 9.92
CA ILE A 198 4.38 -1.10 10.84
C ILE A 198 4.81 -2.42 11.54
N ARG A 199 5.47 -3.31 10.81
CA ARG A 199 5.91 -4.58 11.42
C ARG A 199 6.81 -4.36 12.63
N ALA A 200 7.54 -3.25 12.66
CA ALA A 200 8.40 -3.00 13.80
C ALA A 200 7.61 -2.58 15.04
N ALA A 201 6.31 -2.30 14.90
CA ALA A 201 5.46 -1.85 15.98
C ALA A 201 4.61 -2.95 16.60
N VAL A 202 4.62 -4.16 16.05
CA VAL A 202 3.67 -5.18 16.47
C VAL A 202 4.37 -6.16 17.39
N PRO A 203 3.67 -6.77 18.32
CA PRO A 203 4.23 -7.88 19.10
C PRO A 203 4.66 -9.04 18.21
N ALA A 204 5.64 -9.85 18.65
CA ALA A 204 6.21 -10.84 17.70
C ALA A 204 5.22 -11.98 17.26
N ASP A 205 4.38 -12.43 18.11
CA ASP A 205 3.53 -13.56 17.72
C ASP A 205 2.26 -13.10 17.00
N TRP A 206 2.18 -11.86 16.60
CA TRP A 206 1.09 -11.40 15.75
C TRP A 206 1.53 -11.55 14.30
N ALA A 207 0.59 -11.67 13.38
CA ALA A 207 0.96 -11.76 11.96
C ALA A 207 0.60 -10.43 11.28
N VAL A 208 1.33 -10.12 10.21
CA VAL A 208 1.17 -8.84 9.48
C VAL A 208 1.30 -9.08 7.97
N GLY A 209 0.44 -8.39 7.20
CA GLY A 209 0.67 -8.22 5.75
C GLY A 209 0.69 -6.73 5.50
N ASP A 210 1.63 -6.27 4.69
CA ASP A 210 1.73 -4.83 4.48
C ASP A 210 2.22 -4.49 3.09
N LYS A 211 2.07 -3.21 2.75
CA LYS A 211 2.68 -2.67 1.53
C LYS A 211 3.22 -1.28 1.85
N THR A 212 4.49 -1.04 1.49
CA THR A 212 5.19 0.20 1.76
C THR A 212 5.16 1.10 0.53
N GLY A 213 5.51 2.37 0.76
CA GLY A 213 5.88 3.25 -0.35
C GLY A 213 6.94 4.24 0.07
N THR A 214 7.85 4.59 -0.85
CA THR A 214 8.92 5.55 -0.52
C THR A 214 9.09 6.46 -1.73
N CYS A 215 8.72 7.76 -1.61
CA CYS A 215 8.74 8.69 -2.73
C CYS A 215 10.09 9.34 -3.06
N GLY A 216 10.06 10.34 -3.94
CA GLY A 216 11.29 11.01 -4.39
C GLY A 216 11.79 12.14 -3.54
N VAL A 217 11.13 12.40 -2.42
CA VAL A 217 11.54 13.42 -1.47
C VAL A 217 11.75 12.74 -0.13
N TYR A 218 12.96 12.83 0.43
CA TYR A 218 13.17 12.32 1.78
C TYR A 218 12.09 12.85 2.74
N GLY A 219 11.53 11.97 3.55
CA GLY A 219 10.45 12.38 4.42
C GLY A 219 9.07 12.11 3.88
N THR A 220 8.95 11.57 2.66
CA THR A 220 7.65 11.20 2.10
C THR A 220 7.68 9.68 1.94
N ALA A 221 6.99 8.98 2.85
CA ALA A 221 7.04 7.51 2.82
C ALA A 221 5.83 7.03 3.61
N ASN A 222 5.52 5.74 3.47
CA ASN A 222 4.26 5.27 4.05
C ASN A 222 4.26 3.75 4.18
N ASP A 223 3.19 3.24 4.80
CA ASP A 223 2.98 1.81 4.93
C ASP A 223 1.51 1.63 5.29
N TYR A 224 0.89 0.59 4.77
CA TYR A 224 -0.40 0.17 5.29
C TYR A 224 -0.36 -1.32 5.56
N ALA A 225 -1.25 -1.77 6.43
CA ALA A 225 -1.16 -3.16 6.86
C ALA A 225 -2.46 -3.69 7.40
N VAL A 226 -2.60 -5.03 7.27
CA VAL A 226 -3.55 -5.77 8.09
C VAL A 226 -2.72 -6.50 9.14
N VAL A 227 -3.17 -6.46 10.38
CA VAL A 227 -2.46 -7.03 11.52
C VAL A 227 -3.41 -8.03 12.16
N TRP A 228 -2.95 -9.28 12.33
CA TRP A 228 -3.74 -10.32 13.00
C TRP A 228 -3.14 -10.55 14.39
N PRO A 229 -3.72 -9.98 15.44
CA PRO A 229 -3.26 -10.27 16.79
C PRO A 229 -3.74 -11.66 17.21
N THR A 230 -3.14 -12.17 18.28
CA THR A 230 -3.60 -13.43 18.83
C THR A 230 -4.87 -13.19 19.63
N GLY A 231 -5.90 -13.96 19.35
CA GLY A 231 -7.07 -13.95 20.21
C GLY A 231 -8.00 -12.76 20.05
N ARG A 232 -7.79 -11.91 19.03
CA ARG A 232 -8.71 -10.81 18.77
C ARG A 232 -8.77 -10.57 17.25
N ALA A 233 -9.77 -9.77 16.84
CA ALA A 233 -10.06 -9.51 15.42
C ALA A 233 -8.90 -8.74 14.79
N PRO A 234 -8.77 -8.79 13.47
CA PRO A 234 -7.68 -8.05 12.81
C PRO A 234 -7.82 -6.56 12.99
N ILE A 235 -6.69 -5.88 12.83
CA ILE A 235 -6.61 -4.42 12.82
C ILE A 235 -6.14 -3.99 11.44
N VAL A 236 -6.75 -2.93 10.88
CA VAL A 236 -6.30 -2.39 9.59
C VAL A 236 -5.76 -0.98 9.84
N LEU A 237 -4.60 -0.66 9.25
CA LEU A 237 -4.15 0.69 9.55
C LEU A 237 -3.22 1.20 8.46
N ALA A 238 -3.08 2.54 8.45
CA ALA A 238 -2.24 3.14 7.40
C ALA A 238 -1.53 4.30 8.07
N VAL A 239 -0.25 4.48 7.72
CA VAL A 239 0.56 5.59 8.22
C VAL A 239 1.30 6.19 7.02
N TYR A 240 1.08 7.49 6.77
CA TYR A 240 1.64 8.18 5.60
C TYR A 240 2.37 9.41 6.09
N THR A 241 3.43 9.83 5.36
CA THR A 241 4.12 11.08 5.74
C THR A 241 4.34 11.95 4.51
N ARG A 242 4.50 13.26 4.75
CA ARG A 242 4.84 14.25 3.72
C ARG A 242 6.04 15.00 4.27
N ALA A 243 7.06 15.19 3.44
CA ALA A 243 8.27 15.83 3.91
C ALA A 243 7.99 17.26 4.36
N PRO A 244 8.75 17.77 5.33
CA PRO A 244 8.61 19.17 5.76
C PRO A 244 8.54 20.13 4.57
N ASN A 245 7.41 20.82 4.43
CA ASN A 245 7.18 21.76 3.33
C ASN A 245 7.42 23.21 3.77
N HIS A 265 14.89 8.84 8.55
CA HIS A 265 14.05 9.33 9.65
C HIS A 265 12.60 8.84 9.53
N SER A 266 12.16 8.73 8.28
CA SER A 266 10.76 8.44 7.99
C SER A 266 10.33 7.10 8.51
N GLU A 267 11.20 6.10 8.38
CA GLU A 267 10.82 4.75 8.82
C GLU A 267 10.58 4.72 10.32
N ALA A 268 11.45 5.40 11.10
CA ALA A 268 11.28 5.40 12.54
C ALA A 268 9.98 6.11 12.92
N VAL A 269 9.63 7.17 12.21
CA VAL A 269 8.40 7.89 12.53
C VAL A 269 7.20 7.03 12.22
N ILE A 270 7.23 6.31 11.09
CA ILE A 270 6.11 5.44 10.73
C ILE A 270 5.92 4.37 11.80
N ALA A 271 7.02 3.69 12.17
CA ALA A 271 6.92 2.69 13.25
C ALA A 271 6.40 3.30 14.55
N ALA A 272 6.86 4.50 14.89
CA ALA A 272 6.44 5.07 16.18
C ALA A 272 4.97 5.44 16.15
N ALA A 273 4.47 5.96 15.00
CA ALA A 273 3.06 6.29 14.87
C ALA A 273 2.21 5.04 14.92
N ALA A 274 2.71 3.94 14.31
CA ALA A 274 1.98 2.69 14.36
C ALA A 274 1.88 2.16 15.78
N ARG A 275 2.97 2.29 16.56
CA ARG A 275 2.93 1.90 17.97
C ARG A 275 1.86 2.66 18.72
N LEU A 276 1.82 4.00 18.57
CA LEU A 276 0.81 4.77 19.28
C LEU A 276 -0.59 4.32 18.87
N ALA A 277 -0.79 4.02 17.58
CA ALA A 277 -2.10 3.59 17.12
C ALA A 277 -2.50 2.29 17.79
N LEU A 278 -1.60 1.29 17.80
CA LEU A 278 -1.96 0.01 18.36
C LEU A 278 -2.17 0.11 19.86
N GLU A 279 -1.42 1.03 20.52
CA GLU A 279 -1.56 1.21 21.97
C GLU A 279 -2.86 1.94 22.30
N GLY A 280 -3.21 2.96 21.51
CA GLY A 280 -4.43 3.71 21.80
C GLY A 280 -5.71 3.00 21.40
N LEU A 281 -5.62 2.01 20.52
CA LEU A 281 -6.81 1.49 19.85
C LEU A 281 -7.66 0.64 20.79
N GLY A 282 -8.96 0.86 20.71
CA GLY A 282 -9.90 0.01 21.43
C GLY A 282 -10.35 -1.13 20.54
C1 4D6 B . 14.27 2.88 -2.83
C3 4D6 B . 13.05 4.72 -4.20
C5 4D6 B . 13.73 3.94 -2.07
C7 4D6 B . 11.44 4.60 -5.92
C11 4D6 B . 10.20 1.81 -5.41
C12 4D6 B . 10.66 1.40 -4.09
C14 4D6 B . 9.51 1.36 -3.05
C17 4D6 B . 10.00 1.04 -1.71
O20 4D6 B . 8.98 1.48 0.46
C18 4D6 B . 8.80 1.22 -0.92
O19 4D6 B . 8.07 0.06 -1.13
O16 4D6 B . 8.79 2.69 -2.96
B15 4D6 B . 8.39 3.27 -4.20
O27 4D6 B . 7.70 4.43 -3.99
C34 4D6 B . 9.48 3.14 -5.35
N9 4D6 B . 10.46 4.17 -4.96
O8 4D6 B . 11.48 4.24 -7.05
C6 4D6 B . 12.43 5.57 -5.29
S2 4D6 B . 13.89 3.25 -4.44
C4 4D6 B . 13.05 4.97 -2.82
C1 GOL C . -16.26 9.98 -9.34
O1 GOL C . -16.30 9.97 -7.92
C2 GOL C . -14.93 10.44 -9.97
O2 GOL C . -13.96 10.89 -9.05
C3 GOL C . -14.35 9.40 -10.93
O3 GOL C . -12.97 9.63 -11.21
NA NA D . -11.46 0.72 8.28
C1 EDO E . -16.11 -15.81 2.23
O1 EDO E . -16.21 -15.40 3.57
C2 EDO E . -15.84 -14.47 1.53
O2 EDO E . -15.45 -14.55 0.17
LI LI F . 9.40 -12.79 18.34
NA NA G . -12.77 -8.62 0.26
S SO4 H . 4.10 -19.23 -10.10
O1 SO4 H . 3.13 -18.18 -9.58
O2 SO4 H . 3.60 -19.72 -11.41
O3 SO4 H . 5.44 -18.72 -10.30
O4 SO4 H . 4.25 -20.25 -9.09
S SO4 I . 10.00 -10.59 5.44
O1 SO4 I . 8.91 -9.72 5.85
O2 SO4 I . 9.47 -11.61 4.46
O3 SO4 I . 11.21 -9.96 4.98
O4 SO4 I . 10.44 -11.38 6.59
#